data_2ZJF
#
_entry.id   2ZJF
#
_cell.length_a   66.415
_cell.length_b   66.415
_cell.length_c   156.829
_cell.angle_alpha   90
_cell.angle_beta   90
_cell.angle_gamma   90
#
_symmetry.space_group_name_H-M   'P 41 21 2'
#
loop_
_entity.id
_entity.type
_entity.pdbx_description
1 polymer 'Probable epoxide hydrolase ephB'
2 non-polymer 'ACETATE ION'
3 non-polymer 1,3-DIPHENYLUREA
4 water water
#
_entity_poly.entity_id   1
_entity_poly.type   'polypeptide(L)'
_entity_poly.pdbx_seq_one_letter_code
;HHHHHHVSQVHRILNCRGTRIHAVADSPPDQQGPLVVLLHGFPESWYSWRHQIPALAGAGYRVVAIDQRGYGRSSKYRVQ
KAYRIKELVGDVVGVLDSYGAEQAFVVGHDWGAPVAWTFAWLHPDRCAGVVGISVPFAGRGVIGLPGSPFGERRPSDYHL
ELAGPGRVWYQDYFAVQDGIITEIEEDLRGWLLGLTYTVSGEGMMAATKAAVDAGVDLESMDPIDVIRAGPLCMAEGARL
KDAFVYPETMPAWFTEADLDFYTGEFERSGFGGPLSFYHNIDNDWHDLADQQGKPLTPPALFIGGQYDVGTIWGAQAIER
AHEVMPNYRGTHMIADVGHWIQQEAPEETNRLLLDFLGGLRP
;
_entity_poly.pdbx_strand_id   A
#
# COMPACT_ATOMS: atom_id res chain seq x y z
N VAL A 10 -14.31 -17.06 9.81
CA VAL A 10 -13.19 -16.37 9.10
C VAL A 10 -13.57 -14.97 8.59
N HIS A 11 -14.81 -14.79 8.14
CA HIS A 11 -15.26 -13.47 7.70
C HIS A 11 -15.87 -12.73 8.90
N ARG A 12 -15.47 -11.49 9.10
CA ARG A 12 -15.99 -10.73 10.23
C ARG A 12 -16.45 -9.34 9.84
N ILE A 13 -17.46 -8.85 10.54
CA ILE A 13 -17.97 -7.51 10.31
C ILE A 13 -17.75 -6.74 11.59
N LEU A 14 -16.81 -5.80 11.56
CA LEU A 14 -16.51 -4.99 12.73
C LEU A 14 -17.16 -3.62 12.54
N ASN A 15 -17.44 -2.95 13.65
CA ASN A 15 -18.04 -1.62 13.62
C ASN A 15 -18.02 -1.11 15.05
N CYS A 16 -16.84 -0.74 15.53
CA CYS A 16 -16.70 -0.28 16.90
C CYS A 16 -17.20 1.13 17.13
N ARG A 17 -17.02 2.01 16.14
CA ARG A 17 -17.44 3.39 16.31
C ARG A 17 -18.13 4.09 15.13
N GLY A 18 -19.04 3.41 14.47
CA GLY A 18 -19.74 4.05 13.35
C GLY A 18 -19.28 3.69 11.95
N THR A 19 -18.11 3.07 11.82
CA THR A 19 -17.61 2.67 10.51
C THR A 19 -17.52 1.16 10.38
N ARG A 20 -18.17 0.62 9.35
CA ARG A 20 -18.18 -0.82 9.12
C ARG A 20 -16.88 -1.25 8.47
N ILE A 21 -16.19 -2.19 9.09
CA ILE A 21 -14.96 -2.71 8.51
C ILE A 21 -15.09 -4.21 8.36
N HIS A 22 -14.99 -4.68 7.13
CA HIS A 22 -15.09 -6.11 6.86
C HIS A 22 -13.71 -6.73 6.88
N ALA A 23 -13.61 -7.98 7.34
CA ALA A 23 -12.32 -8.65 7.38
C ALA A 23 -12.37 -10.18 7.32
N VAL A 24 -11.19 -10.75 7.10
CA VAL A 24 -11.00 -12.20 7.06
C VAL A 24 -9.97 -12.47 8.15
N ALA A 25 -10.36 -13.24 9.15
CA ALA A 25 -9.50 -13.55 10.28
C ALA A 25 -9.24 -15.04 10.43
N ASP A 26 -8.18 -15.36 11.17
CA ASP A 26 -7.81 -16.73 11.41
C ASP A 26 -6.83 -16.74 12.56
N SER A 27 -6.70 -17.89 13.20
CA SER A 27 -5.79 -18.00 14.34
C SER A 27 -5.81 -19.43 14.86
N PRO A 28 -4.99 -19.73 15.88
CA PRO A 28 -4.99 -21.09 16.41
C PRO A 28 -6.41 -21.34 16.96
N PRO A 29 -6.83 -22.61 17.03
CA PRO A 29 -8.17 -22.93 17.54
C PRO A 29 -8.50 -22.32 18.90
N ASP A 30 -7.48 -22.14 19.73
CA ASP A 30 -7.69 -21.55 21.06
C ASP A 30 -7.97 -20.06 20.92
N GLN A 31 -7.91 -19.56 19.70
CA GLN A 31 -8.16 -18.15 19.43
C GLN A 31 -7.33 -17.26 20.36
N GLN A 32 -6.05 -17.58 20.46
CA GLN A 32 -5.12 -16.83 21.29
C GLN A 32 -3.76 -16.65 20.64
N GLY A 33 -3.20 -15.47 20.80
CA GLY A 33 -1.91 -15.15 20.24
C GLY A 33 -1.85 -13.68 19.90
N PRO A 34 -0.65 -13.15 19.59
CA PRO A 34 -0.46 -11.74 19.25
C PRO A 34 -1.32 -11.35 18.04
N LEU A 35 -2.02 -10.23 18.13
CA LEU A 35 -2.86 -9.77 17.02
C LEU A 35 -2.00 -9.16 15.91
N VAL A 36 -2.24 -9.61 14.67
CA VAL A 36 -1.51 -9.08 13.52
C VAL A 36 -2.51 -8.55 12.50
N VAL A 37 -2.46 -7.25 12.21
CA VAL A 37 -3.39 -6.62 11.26
C VAL A 37 -2.76 -6.38 9.89
N LEU A 38 -3.38 -6.89 8.85
CA LEU A 38 -2.84 -6.73 7.49
C LEU A 38 -3.63 -5.66 6.72
N LEU A 39 -2.91 -4.64 6.26
CA LEU A 39 -3.54 -3.54 5.52
C LEU A 39 -3.12 -3.55 4.05
N HIS A 40 -4.09 -3.77 3.17
CA HIS A 40 -3.85 -3.83 1.72
C HIS A 40 -3.69 -2.45 1.10
N GLY A 41 -3.27 -2.42 -0.17
CA GLY A 41 -3.06 -1.17 -0.88
C GLY A 41 -4.02 -0.94 -2.04
N PHE A 42 -3.58 -0.17 -3.03
CA PHE A 42 -4.41 0.15 -4.21
C PHE A 42 -3.96 -0.56 -5.49
N PRO A 43 -4.90 -1.21 -6.20
CA PRO A 43 -6.32 -1.35 -5.91
C PRO A 43 -6.51 -2.82 -5.49
N GLU A 44 -6.35 -3.08 -4.19
CA GLU A 44 -6.41 -4.46 -3.71
C GLU A 44 -7.50 -4.75 -2.69
N SER A 45 -7.30 -5.78 -1.89
CA SER A 45 -8.29 -6.14 -0.88
C SER A 45 -7.68 -7.07 0.16
N TRP A 46 -8.50 -7.55 1.09
CA TRP A 46 -8.01 -8.45 2.12
C TRP A 46 -7.39 -9.65 1.39
N TYR A 47 -7.94 -9.97 0.23
CA TYR A 47 -7.50 -11.07 -0.60
C TYR A 47 -6.01 -11.02 -1.00
N SER A 48 -5.41 -9.83 -1.02
CA SER A 48 -4.00 -9.70 -1.37
C SER A 48 -3.08 -10.40 -0.37
N TRP A 49 -3.61 -10.72 0.80
CA TRP A 49 -2.85 -11.38 1.86
C TRP A 49 -3.17 -12.88 1.96
N ARG A 50 -3.92 -13.40 1.00
CA ARG A 50 -4.32 -14.82 0.99
C ARG A 50 -3.19 -15.82 1.28
N HIS A 51 -1.97 -15.48 0.89
CA HIS A 51 -0.83 -16.35 1.13
C HIS A 51 -0.19 -16.16 2.49
N GLN A 52 -0.52 -15.06 3.14
CA GLN A 52 0.04 -14.75 4.45
C GLN A 52 -0.83 -15.22 5.62
N ILE A 53 -2.14 -15.04 5.48
CA ILE A 53 -3.08 -15.41 6.54
C ILE A 53 -2.84 -16.81 7.15
N PRO A 54 -2.82 -17.86 6.31
CA PRO A 54 -2.60 -19.20 6.86
C PRO A 54 -1.24 -19.39 7.53
N ALA A 55 -0.20 -18.76 6.98
CA ALA A 55 1.13 -18.90 7.56
C ALA A 55 1.17 -18.24 8.93
N LEU A 56 0.65 -17.02 9.00
CA LEU A 56 0.63 -16.29 10.25
C LEU A 56 -0.21 -17.02 11.29
N ALA A 57 -1.36 -17.54 10.88
CA ALA A 57 -2.21 -18.25 11.82
C ALA A 57 -1.51 -19.53 12.27
N GLY A 58 -0.81 -20.17 11.34
CA GLY A 58 -0.10 -21.40 11.64
C GLY A 58 1.05 -21.25 12.62
N ALA A 59 1.63 -20.05 12.67
CA ALA A 59 2.74 -19.77 13.57
C ALA A 59 2.23 -19.31 14.94
N GLY A 60 0.91 -19.30 15.10
CA GLY A 60 0.33 -18.91 16.38
C GLY A 60 -0.14 -17.47 16.56
N TYR A 61 -0.36 -16.75 15.46
CA TYR A 61 -0.81 -15.37 15.54
C TYR A 61 -2.29 -15.25 15.18
N ARG A 62 -2.95 -14.25 15.76
CA ARG A 62 -4.33 -13.97 15.43
C ARG A 62 -4.17 -12.96 14.28
N VAL A 63 -4.45 -13.41 13.06
CA VAL A 63 -4.30 -12.53 11.90
C VAL A 63 -5.63 -11.97 11.40
N VAL A 64 -5.64 -10.65 11.17
CA VAL A 64 -6.82 -9.95 10.68
C VAL A 64 -6.50 -9.13 9.44
N ALA A 65 -7.08 -9.54 8.31
CA ALA A 65 -6.87 -8.86 7.03
C ALA A 65 -8.15 -8.11 6.67
N ILE A 66 -8.10 -6.79 6.72
CA ILE A 66 -9.29 -5.98 6.46
C ILE A 66 -9.40 -5.42 5.06
N ASP A 67 -10.59 -4.88 4.79
CA ASP A 67 -10.86 -4.16 3.55
C ASP A 67 -10.87 -2.74 4.11
N GLN A 68 -10.00 -1.86 3.64
CA GLN A 68 -10.03 -0.49 4.16
C GLN A 68 -11.33 0.16 3.73
N ARG A 69 -11.66 1.30 4.33
CA ARG A 69 -12.89 1.97 3.96
C ARG A 69 -12.84 2.31 2.47
N GLY A 70 -13.98 2.21 1.81
CA GLY A 70 -14.06 2.47 0.38
C GLY A 70 -13.82 1.24 -0.46
N TYR A 71 -13.27 0.19 0.17
CA TYR A 71 -12.97 -1.09 -0.49
C TYR A 71 -13.89 -2.24 -0.06
N GLY A 72 -13.92 -3.28 -0.89
CA GLY A 72 -14.70 -4.49 -0.63
C GLY A 72 -16.06 -4.37 0.01
N ARG A 73 -16.16 -4.86 1.25
CA ARG A 73 -17.44 -4.82 1.96
C ARG A 73 -17.47 -3.76 3.07
N SER A 74 -16.41 -2.96 3.18
CA SER A 74 -16.36 -1.92 4.21
C SER A 74 -17.10 -0.68 3.76
N SER A 75 -17.51 0.15 4.73
CA SER A 75 -18.26 1.38 4.47
C SER A 75 -17.70 2.21 3.32
N LYS A 76 -18.61 2.65 2.46
CA LYS A 76 -18.27 3.46 1.30
C LYS A 76 -18.75 4.90 1.48
N TYR A 77 -17.84 5.80 1.84
CA TYR A 77 -18.18 7.21 2.03
C TYR A 77 -17.94 7.98 0.75
N ARG A 78 -18.74 9.02 0.50
CA ARG A 78 -18.53 9.82 -0.70
C ARG A 78 -17.65 11.05 -0.43
N VAL A 79 -17.93 11.78 0.66
CA VAL A 79 -17.17 12.98 0.99
C VAL A 79 -15.68 12.72 1.10
N GLN A 80 -14.89 13.67 0.58
CA GLN A 80 -13.42 13.58 0.57
C GLN A 80 -12.76 13.46 1.95
N LYS A 81 -13.34 14.13 2.95
CA LYS A 81 -12.74 14.12 4.29
C LYS A 81 -12.72 12.74 4.96
N ALA A 82 -13.53 11.81 4.47
CA ALA A 82 -13.57 10.48 5.05
C ALA A 82 -12.35 9.65 4.68
N TYR A 83 -11.59 10.10 3.69
CA TYR A 83 -10.41 9.37 3.22
C TYR A 83 -9.06 10.01 3.56
N ARG A 84 -9.04 10.81 4.62
CA ARG A 84 -7.80 11.45 5.05
C ARG A 84 -7.04 10.44 5.90
N ILE A 85 -5.72 10.60 5.97
CA ILE A 85 -4.87 9.66 6.70
C ILE A 85 -5.29 9.30 8.13
N LYS A 86 -5.60 10.28 8.97
CA LYS A 86 -5.99 9.97 10.35
C LYS A 86 -7.25 9.12 10.48
N GLU A 87 -8.18 9.29 9.54
CA GLU A 87 -9.41 8.51 9.54
C GLU A 87 -9.04 7.05 9.26
N LEU A 88 -8.18 6.86 8.26
CA LEU A 88 -7.73 5.52 7.90
C LEU A 88 -7.08 4.90 9.13
N VAL A 89 -6.24 5.68 9.79
CA VAL A 89 -5.55 5.20 10.97
C VAL A 89 -6.56 4.89 12.08
N GLY A 90 -7.61 5.69 12.17
CA GLY A 90 -8.62 5.48 13.19
C GLY A 90 -9.30 4.13 13.03
N ASP A 91 -9.50 3.73 11.79
CA ASP A 91 -10.11 2.43 11.52
C ASP A 91 -9.25 1.31 12.10
N VAL A 92 -7.93 1.44 11.95
CA VAL A 92 -7.04 0.42 12.48
C VAL A 92 -7.23 0.36 13.99
N VAL A 93 -7.23 1.52 14.64
CA VAL A 93 -7.42 1.57 16.08
C VAL A 93 -8.72 0.86 16.44
N GLY A 94 -9.76 1.11 15.64
CA GLY A 94 -11.05 0.48 15.86
C GLY A 94 -10.98 -1.03 15.76
N VAL A 95 -10.09 -1.52 14.89
CA VAL A 95 -9.92 -2.96 14.72
C VAL A 95 -9.40 -3.59 16.01
N LEU A 96 -8.37 -2.97 16.61
CA LEU A 96 -7.79 -3.47 17.85
C LEU A 96 -8.81 -3.44 19.00
N ASP A 97 -9.59 -2.36 19.06
CA ASP A 97 -10.60 -2.24 20.11
C ASP A 97 -11.68 -3.31 19.99
N SER A 98 -11.96 -3.77 18.77
CA SER A 98 -12.96 -4.82 18.57
C SER A 98 -12.45 -6.15 19.10
N TYR A 99 -11.15 -6.38 18.98
CA TYR A 99 -10.56 -7.61 19.49
C TYR A 99 -10.10 -7.35 20.91
N GLY A 100 -10.33 -6.12 21.38
CA GLY A 100 -9.91 -5.76 22.73
C GLY A 100 -8.41 -5.90 22.93
N ALA A 101 -7.64 -5.65 21.88
CA ALA A 101 -6.19 -5.76 21.96
C ALA A 101 -5.52 -4.44 22.32
N GLU A 102 -4.63 -4.46 23.31
CA GLU A 102 -3.92 -3.25 23.72
C GLU A 102 -2.91 -2.87 22.64
N GLN A 103 -2.13 -3.87 22.21
CA GLN A 103 -1.11 -3.65 21.19
C GLN A 103 -1.32 -4.62 20.05
N ALA A 104 -0.74 -4.30 18.90
CA ALA A 104 -0.86 -5.15 17.74
C ALA A 104 0.28 -4.93 16.76
N PHE A 105 0.59 -5.99 16.02
CA PHE A 105 1.61 -5.92 14.99
C PHE A 105 0.81 -5.46 13.79
N VAL A 106 1.29 -4.44 13.08
CA VAL A 106 0.57 -3.94 11.92
C VAL A 106 1.44 -3.93 10.67
N VAL A 107 0.98 -4.64 9.65
CA VAL A 107 1.69 -4.75 8.36
C VAL A 107 0.88 -4.08 7.27
N GLY A 108 1.51 -3.22 6.49
CA GLY A 108 0.81 -2.53 5.42
C GLY A 108 1.58 -2.50 4.12
N HIS A 109 0.90 -2.82 3.02
CA HIS A 109 1.51 -2.81 1.71
C HIS A 109 0.90 -1.72 0.87
N ASP A 110 1.74 -1.00 0.15
CA ASP A 110 1.30 0.09 -0.72
C ASP A 110 0.57 1.15 0.12
N TRP A 111 -0.65 1.51 -0.25
CA TRP A 111 -1.39 2.51 0.53
C TRP A 111 -1.57 2.06 1.97
N GLY A 112 -1.59 0.75 2.20
CA GLY A 112 -1.73 0.26 3.56
C GLY A 112 -0.51 0.67 4.39
N ALA A 113 0.64 0.83 3.74
CA ALA A 113 1.87 1.20 4.42
C ALA A 113 1.83 2.56 5.17
N PRO A 114 1.54 3.66 4.46
CA PRO A 114 1.50 4.94 5.18
C PRO A 114 0.55 4.85 6.37
N VAL A 115 -0.52 4.08 6.21
CA VAL A 115 -1.51 3.90 7.25
C VAL A 115 -0.92 3.11 8.41
N ALA A 116 -0.12 2.10 8.10
CA ALA A 116 0.53 1.32 9.13
C ALA A 116 1.61 2.16 9.80
N TRP A 117 2.38 2.89 9.00
CA TRP A 117 3.45 3.76 9.53
C TRP A 117 2.85 4.82 10.46
N THR A 118 1.87 5.57 9.94
CA THR A 118 1.26 6.63 10.72
C THR A 118 0.63 6.08 11.99
N PHE A 119 0.10 4.87 11.91
CA PHE A 119 -0.51 4.24 13.09
C PHE A 119 0.57 4.12 14.14
N ALA A 120 1.75 3.66 13.72
CA ALA A 120 2.86 3.50 14.66
C ALA A 120 3.34 4.87 15.13
N TRP A 121 3.36 5.82 14.20
CA TRP A 121 3.80 7.18 14.51
C TRP A 121 2.95 7.80 15.62
N LEU A 122 1.63 7.82 15.40
CA LEU A 122 0.69 8.42 16.35
C LEU A 122 0.27 7.57 17.53
N HIS A 123 0.37 6.25 17.42
CA HIS A 123 -0.06 5.39 18.50
C HIS A 123 0.95 4.32 18.92
N PRO A 124 2.15 4.74 19.31
CA PRO A 124 3.17 3.77 19.71
C PRO A 124 2.69 2.86 20.85
N ASP A 125 1.85 3.40 21.73
CA ASP A 125 1.31 2.66 22.87
C ASP A 125 0.39 1.51 22.44
N ARG A 126 0.01 1.47 21.17
CA ARG A 126 -0.88 0.43 20.66
C ARG A 126 -0.15 -0.45 19.67
N CYS A 127 1.13 -0.17 19.42
CA CYS A 127 1.88 -0.91 18.41
C CYS A 127 3.09 -1.71 18.87
N ALA A 128 2.99 -3.04 18.77
CA ALA A 128 4.09 -3.91 19.18
C ALA A 128 5.18 -3.92 18.12
N GLY A 129 4.82 -3.44 16.93
CA GLY A 129 5.78 -3.40 15.84
C GLY A 129 5.06 -3.08 14.54
N VAL A 130 5.78 -2.50 13.59
CA VAL A 130 5.20 -2.14 12.32
C VAL A 130 6.08 -2.53 11.11
N VAL A 131 5.44 -3.01 10.05
CA VAL A 131 6.12 -3.40 8.83
C VAL A 131 5.46 -2.77 7.60
N GLY A 132 6.26 -2.05 6.82
CA GLY A 132 5.74 -1.42 5.62
C GLY A 132 6.28 -2.18 4.42
N ILE A 133 5.44 -2.43 3.42
CA ILE A 133 5.90 -3.16 2.25
C ILE A 133 5.71 -2.31 1.01
N SER A 134 6.75 -2.23 0.18
CA SER A 134 6.73 -1.43 -1.06
C SER A 134 6.96 0.06 -0.80
N VAL A 135 6.11 0.66 0.04
CA VAL A 135 6.22 2.08 0.36
C VAL A 135 6.87 2.28 1.73
N PRO A 136 8.11 2.78 1.74
CA PRO A 136 8.83 3.01 3.01
C PRO A 136 8.32 4.23 3.77
N PHE A 137 8.53 4.26 5.08
CA PHE A 137 8.06 5.39 5.90
C PHE A 137 8.52 6.73 5.31
N ALA A 138 7.56 7.61 5.02
CA ALA A 138 7.89 8.90 4.43
C ALA A 138 7.36 10.10 5.22
N GLY A 139 7.20 9.94 6.53
CA GLY A 139 6.69 11.03 7.35
C GLY A 139 5.47 11.70 6.77
N ARG A 140 5.32 13.00 7.02
CA ARG A 140 4.17 13.75 6.52
C ARG A 140 4.05 13.68 4.99
N GLY A 141 5.07 13.12 4.34
CA GLY A 141 5.03 13.02 2.89
C GLY A 141 4.12 11.92 2.39
N VAL A 142 3.83 10.96 3.27
CA VAL A 142 2.97 9.82 2.96
C VAL A 142 3.72 8.81 2.09
N ILE A 143 4.16 9.24 0.92
CA ILE A 143 4.94 8.37 0.05
C ILE A 143 6.19 9.12 -0.34
N GLY A 144 7.34 8.52 -0.08
CA GLY A 144 8.61 9.15 -0.40
C GLY A 144 8.88 9.13 -1.89
N LEU A 145 9.47 10.22 -2.39
CA LEU A 145 9.79 10.33 -3.81
C LEU A 145 11.25 10.70 -4.02
N PRO A 146 11.78 10.46 -5.23
CA PRO A 146 13.17 10.76 -5.58
C PRO A 146 13.61 12.12 -5.11
N GLY A 147 12.69 13.07 -5.06
CA GLY A 147 13.05 14.40 -4.62
C GLY A 147 12.72 14.65 -3.16
N SER A 148 11.51 14.25 -2.75
CA SER A 148 11.03 14.45 -1.39
C SER A 148 10.78 13.13 -0.64
N PRO A 149 11.79 12.64 0.08
CA PRO A 149 11.67 11.39 0.83
C PRO A 149 10.75 11.48 2.06
N PHE A 150 10.66 12.66 2.66
CA PHE A 150 9.82 12.84 3.84
C PHE A 150 8.87 14.02 3.73
N GLY A 151 8.39 14.28 2.52
CA GLY A 151 7.45 15.37 2.30
C GLY A 151 8.03 16.75 2.56
N GLU A 152 9.23 16.98 2.03
CA GLU A 152 9.87 18.28 2.21
C GLU A 152 9.07 19.36 1.50
N ARG A 153 8.76 19.15 0.22
CA ARG A 153 7.96 20.14 -0.50
C ARG A 153 6.52 19.63 -0.61
N ARG A 154 5.60 20.54 -0.89
CA ARG A 154 4.19 20.18 -1.02
C ARG A 154 4.03 19.12 -2.11
N PRO A 155 3.30 18.03 -1.80
CA PRO A 155 3.05 16.92 -2.73
C PRO A 155 2.63 17.29 -4.16
N SER A 156 1.50 17.99 -4.28
CA SER A 156 0.99 18.38 -5.59
C SER A 156 1.93 19.32 -6.35
N ASP A 157 2.62 20.19 -5.62
CA ASP A 157 3.54 21.15 -6.22
C ASP A 157 4.69 20.41 -6.91
N TYR A 158 5.35 19.53 -6.16
CA TYR A 158 6.47 18.76 -6.69
C TYR A 158 6.04 17.92 -7.88
N HIS A 159 4.76 17.55 -7.92
CA HIS A 159 4.23 16.75 -9.01
C HIS A 159 4.22 17.61 -10.27
N LEU A 160 3.35 18.61 -10.28
CA LEU A 160 3.22 19.53 -11.40
C LEU A 160 4.60 19.89 -11.95
N GLU A 161 5.25 20.82 -11.29
CA GLU A 161 6.59 21.24 -11.70
C GLU A 161 7.54 20.16 -11.17
N LEU A 162 8.56 19.83 -11.96
CA LEU A 162 9.53 18.81 -11.59
C LEU A 162 8.92 17.42 -11.71
N ALA A 163 8.47 17.08 -12.92
CA ALA A 163 7.87 15.78 -13.20
C ALA A 163 7.37 15.66 -14.64
N GLY A 164 7.25 16.79 -15.32
CA GLY A 164 6.78 16.77 -16.70
C GLY A 164 6.31 18.10 -17.25
N PRO A 165 6.80 18.50 -18.44
CA PRO A 165 6.44 19.76 -19.10
C PRO A 165 4.95 19.81 -19.43
N GLY A 166 4.56 19.00 -20.42
CA GLY A 166 3.18 18.92 -20.82
C GLY A 166 2.63 17.55 -20.49
N ARG A 167 3.20 16.93 -19.45
CA ARG A 167 2.77 15.60 -19.01
C ARG A 167 2.03 15.75 -17.68
N VAL A 168 1.53 14.64 -17.16
CA VAL A 168 0.80 14.65 -15.89
C VAL A 168 1.10 13.44 -15.00
N TRP A 169 1.33 13.73 -13.72
CA TRP A 169 1.63 12.70 -12.72
C TRP A 169 0.35 11.89 -12.48
N TYR A 170 0.43 10.57 -12.63
CA TYR A 170 -0.73 9.70 -12.45
C TYR A 170 -1.52 9.97 -11.16
N GLN A 171 -0.84 10.27 -10.07
CA GLN A 171 -1.52 10.53 -8.80
C GLN A 171 -2.47 11.72 -8.85
N ASP A 172 -2.09 12.77 -9.60
CA ASP A 172 -2.95 13.95 -9.71
C ASP A 172 -4.16 13.59 -10.56
N TYR A 173 -3.93 12.71 -11.54
CA TYR A 173 -4.98 12.25 -12.42
C TYR A 173 -5.96 11.42 -11.58
N PHE A 174 -5.40 10.51 -10.77
CA PHE A 174 -6.19 9.68 -9.89
C PHE A 174 -7.06 10.57 -9.01
N ALA A 175 -6.48 11.64 -8.49
CA ALA A 175 -7.20 12.57 -7.60
C ALA A 175 -8.40 13.26 -8.23
N VAL A 176 -8.36 13.51 -9.53
CA VAL A 176 -9.46 14.19 -10.20
C VAL A 176 -10.72 13.32 -10.15
N GLN A 177 -10.54 12.00 -10.20
CA GLN A 177 -11.67 11.06 -10.13
C GLN A 177 -12.74 11.26 -11.20
N ASP A 178 -12.32 11.52 -12.43
CA ASP A 178 -13.27 11.70 -13.52
C ASP A 178 -12.80 10.87 -14.70
N GLY A 179 -11.80 11.37 -15.42
CA GLY A 179 -11.28 10.64 -16.56
C GLY A 179 -10.83 9.26 -16.12
N ILE A 180 -10.09 9.20 -15.01
CA ILE A 180 -9.57 7.93 -14.49
C ILE A 180 -10.66 6.86 -14.33
N ILE A 181 -11.76 7.18 -13.67
CA ILE A 181 -12.83 6.21 -13.49
C ILE A 181 -13.47 5.84 -14.83
N THR A 182 -13.66 6.84 -15.68
CA THR A 182 -14.24 6.61 -17.00
C THR A 182 -13.41 5.59 -17.77
N GLU A 183 -12.08 5.76 -17.75
CA GLU A 183 -11.24 4.86 -18.49
C GLU A 183 -11.29 3.45 -17.91
N ILE A 184 -11.45 3.36 -16.59
CA ILE A 184 -11.53 2.07 -15.94
C ILE A 184 -12.82 1.34 -16.31
N GLU A 185 -13.95 2.01 -16.11
CA GLU A 185 -15.25 1.41 -16.38
C GLU A 185 -15.49 0.85 -17.78
N GLU A 186 -14.75 1.34 -18.77
CA GLU A 186 -14.91 0.85 -20.15
C GLU A 186 -14.58 -0.63 -20.21
N ASP A 187 -13.66 -1.04 -19.34
CA ASP A 187 -13.24 -2.43 -19.26
C ASP A 187 -12.42 -2.59 -17.98
N LEU A 188 -13.13 -2.80 -16.87
CA LEU A 188 -12.51 -2.94 -15.57
C LEU A 188 -11.62 -4.16 -15.42
N ARG A 189 -12.08 -5.32 -15.89
CA ARG A 189 -11.27 -6.52 -15.75
C ARG A 189 -9.94 -6.31 -16.48
N GLY A 190 -10.02 -5.77 -17.69
CA GLY A 190 -8.83 -5.54 -18.47
C GLY A 190 -7.93 -4.50 -17.82
N TRP A 191 -8.53 -3.48 -17.21
CA TRP A 191 -7.74 -2.45 -16.56
C TRP A 191 -6.91 -3.05 -15.43
N LEU A 192 -7.54 -3.85 -14.59
CA LEU A 192 -6.82 -4.47 -13.48
C LEU A 192 -5.67 -5.32 -14.03
N LEU A 193 -5.95 -6.12 -15.05
CA LEU A 193 -4.92 -6.97 -15.66
C LEU A 193 -3.78 -6.09 -16.11
N GLY A 194 -4.12 -5.05 -16.85
CA GLY A 194 -3.10 -4.12 -17.33
C GLY A 194 -2.24 -3.57 -16.21
N LEU A 195 -2.85 -2.79 -15.31
CA LEU A 195 -2.12 -2.20 -14.20
C LEU A 195 -1.28 -3.23 -13.45
N THR A 196 -1.88 -4.35 -13.10
CA THR A 196 -1.19 -5.40 -12.36
C THR A 196 0.06 -5.91 -13.05
N TYR A 197 -0.05 -6.21 -14.34
CA TYR A 197 1.09 -6.72 -15.10
C TYR A 197 2.17 -5.68 -15.33
N THR A 198 1.76 -4.48 -15.77
CA THR A 198 2.70 -3.41 -16.03
C THR A 198 3.71 -3.19 -14.91
N VAL A 199 3.24 -2.93 -13.69
CA VAL A 199 4.15 -2.69 -12.58
C VAL A 199 4.67 -3.94 -11.90
N SER A 200 4.26 -5.11 -12.40
CA SER A 200 4.73 -6.37 -11.83
C SER A 200 6.20 -6.60 -12.19
N GLY A 201 6.79 -7.64 -11.59
CA GLY A 201 8.19 -7.94 -11.86
C GLY A 201 8.47 -8.26 -13.31
N GLU A 202 7.77 -9.27 -13.83
CA GLU A 202 7.94 -9.69 -15.22
C GLU A 202 7.55 -8.60 -16.18
N GLY A 203 6.68 -7.69 -15.74
CA GLY A 203 6.25 -6.61 -16.61
C GLY A 203 7.35 -5.55 -16.67
N MET A 204 7.93 -5.26 -15.51
CA MET A 204 9.00 -4.26 -15.40
C MET A 204 10.29 -4.74 -16.07
N MET A 205 10.62 -6.00 -15.86
CA MET A 205 11.82 -6.57 -16.45
C MET A 205 11.66 -6.60 -17.96
N ALA A 206 10.41 -6.78 -18.42
CA ALA A 206 10.14 -6.80 -19.84
C ALA A 206 10.43 -5.41 -20.41
N ALA A 207 9.73 -4.41 -19.89
CA ALA A 207 9.91 -3.03 -20.32
C ALA A 207 11.39 -2.66 -20.39
N THR A 208 12.16 -3.16 -19.43
CA THR A 208 13.60 -2.90 -19.36
C THR A 208 14.33 -3.68 -20.43
N LYS A 209 13.92 -4.94 -20.64
CA LYS A 209 14.55 -5.78 -21.66
C LYS A 209 14.56 -5.01 -22.96
N ALA A 210 13.64 -4.06 -23.07
CA ALA A 210 13.53 -3.20 -24.24
C ALA A 210 14.50 -2.04 -24.02
N ALA A 211 15.71 -2.38 -23.59
CA ALA A 211 16.76 -1.40 -23.34
C ALA A 211 16.74 -0.37 -24.44
N VAL A 212 16.84 -0.84 -25.67
CA VAL A 212 16.82 0.03 -26.83
C VAL A 212 16.70 -0.84 -28.09
N SER A 220 20.40 3.72 -17.48
CA SER A 220 21.04 4.12 -16.20
C SER A 220 21.49 5.58 -16.27
N MET A 221 20.63 6.47 -15.79
CA MET A 221 20.95 7.90 -15.79
C MET A 221 19.86 8.71 -15.11
N ASP A 222 20.22 9.30 -13.96
CA ASP A 222 19.32 10.14 -13.17
C ASP A 222 17.94 9.53 -12.91
N PRO A 223 17.68 9.07 -11.67
CA PRO A 223 16.41 8.46 -11.29
C PRO A 223 15.26 9.47 -11.30
N ILE A 224 15.58 10.71 -10.97
CA ILE A 224 14.60 11.80 -10.92
C ILE A 224 13.84 11.93 -12.24
N ASP A 225 14.49 11.59 -13.34
CA ASP A 225 13.83 11.67 -14.65
C ASP A 225 13.55 10.29 -15.22
N VAL A 226 13.75 9.27 -14.40
CA VAL A 226 13.46 7.90 -14.80
C VAL A 226 11.95 7.73 -14.62
N ILE A 227 11.42 8.41 -13.62
CA ILE A 227 9.99 8.37 -13.36
C ILE A 227 9.32 8.89 -14.63
N ARG A 228 9.90 9.96 -15.19
CA ARG A 228 9.39 10.51 -16.43
C ARG A 228 9.71 9.43 -17.45
N ALA A 229 9.08 9.49 -18.63
CA ALA A 229 9.33 8.47 -19.63
C ALA A 229 8.91 7.12 -19.06
N GLY A 230 8.30 7.16 -17.88
CA GLY A 230 7.83 5.95 -17.23
C GLY A 230 6.37 5.73 -17.58
N PRO A 231 5.82 4.56 -17.26
CA PRO A 231 4.41 4.24 -17.54
C PRO A 231 3.42 5.12 -16.78
N LEU A 232 3.80 5.53 -15.58
CA LEU A 232 2.93 6.35 -14.76
C LEU A 232 3.07 7.85 -15.04
N CYS A 233 3.87 8.19 -16.04
CA CYS A 233 4.06 9.58 -16.44
C CYS A 233 3.36 9.71 -17.79
N MET A 234 2.17 10.30 -17.77
CA MET A 234 1.39 10.45 -18.99
C MET A 234 1.34 11.87 -19.55
N ALA A 235 1.02 11.97 -20.84
CA ALA A 235 0.92 13.25 -21.51
C ALA A 235 -0.49 13.81 -21.33
N GLU A 236 -0.55 15.07 -20.90
CA GLU A 236 -1.84 15.75 -20.66
C GLU A 236 -2.84 15.47 -21.78
N GLY A 237 -3.95 14.83 -21.42
CA GLY A 237 -4.97 14.53 -22.40
C GLY A 237 -5.08 13.05 -22.74
N ALA A 238 -4.04 12.29 -22.41
CA ALA A 238 -4.03 10.86 -22.69
C ALA A 238 -4.64 10.06 -21.54
N ARG A 239 -4.73 8.74 -21.73
CA ARG A 239 -5.27 7.86 -20.71
C ARG A 239 -4.14 7.01 -20.16
N LEU A 240 -4.11 6.85 -18.84
CA LEU A 240 -3.08 6.05 -18.18
C LEU A 240 -3.07 4.67 -18.80
N LYS A 241 -4.27 4.18 -19.10
CA LYS A 241 -4.48 2.88 -19.72
C LYS A 241 -3.67 2.75 -21.00
N ASP A 242 -3.39 3.88 -21.64
CA ASP A 242 -2.64 3.92 -22.90
C ASP A 242 -1.23 3.36 -22.82
N ALA A 243 -0.64 3.41 -21.62
CA ALA A 243 0.72 2.93 -21.42
C ALA A 243 0.82 1.52 -20.85
N PHE A 244 -0.32 0.89 -20.59
CA PHE A 244 -0.31 -0.46 -20.03
C PHE A 244 0.28 -1.51 -20.98
N VAL A 245 0.78 -2.59 -20.40
CA VAL A 245 1.33 -3.71 -21.14
C VAL A 245 0.52 -4.92 -20.69
N TYR A 246 0.08 -5.75 -21.62
CA TYR A 246 -0.70 -6.92 -21.26
C TYR A 246 0.08 -8.20 -21.55
N PRO A 247 0.02 -9.17 -20.64
CA PRO A 247 0.74 -10.43 -20.86
C PRO A 247 0.03 -11.31 -21.87
N GLU A 248 0.80 -12.13 -22.61
CA GLU A 248 0.20 -13.02 -23.59
C GLU A 248 -0.55 -14.09 -22.81
N THR A 249 -0.07 -14.36 -21.61
CA THR A 249 -0.70 -15.36 -20.74
C THR A 249 -0.67 -14.81 -19.31
N MET A 250 -1.54 -15.34 -18.46
CA MET A 250 -1.62 -14.91 -17.07
C MET A 250 -0.38 -15.37 -16.30
N PRO A 251 0.28 -14.45 -15.58
CA PRO A 251 1.47 -14.84 -14.82
C PRO A 251 1.14 -15.96 -13.82
N ALA A 252 2.15 -16.75 -13.49
CA ALA A 252 1.99 -17.87 -12.59
C ALA A 252 1.52 -17.48 -11.20
N TRP A 253 1.90 -16.28 -10.77
CA TRP A 253 1.51 -15.82 -9.45
C TRP A 253 0.16 -15.11 -9.40
N PHE A 254 -0.29 -14.59 -10.54
CA PHE A 254 -1.57 -13.88 -10.62
C PHE A 254 -2.49 -14.57 -11.63
N THR A 255 -3.23 -15.58 -11.16
CA THR A 255 -4.11 -16.37 -12.02
C THR A 255 -5.47 -15.79 -12.37
N GLU A 256 -6.12 -16.41 -13.35
CA GLU A 256 -7.43 -16.03 -13.83
C GLU A 256 -8.41 -15.90 -12.65
N ALA A 257 -8.38 -16.89 -11.76
CA ALA A 257 -9.26 -16.89 -10.60
C ALA A 257 -9.02 -15.70 -9.67
N ASP A 258 -7.76 -15.31 -9.51
CA ASP A 258 -7.44 -14.18 -8.65
C ASP A 258 -8.04 -12.94 -9.30
N LEU A 259 -7.80 -12.81 -10.60
CA LEU A 259 -8.30 -11.67 -11.37
C LEU A 259 -9.83 -11.59 -11.32
N ASP A 260 -10.49 -12.74 -11.35
CA ASP A 260 -11.95 -12.72 -11.28
C ASP A 260 -12.40 -12.22 -9.91
N PHE A 261 -11.63 -12.54 -8.87
CA PHE A 261 -11.99 -12.11 -7.53
C PHE A 261 -11.89 -10.60 -7.40
N TYR A 262 -10.73 -10.05 -7.78
CA TYR A 262 -10.53 -8.61 -7.72
C TYR A 262 -11.55 -7.88 -8.60
N THR A 263 -11.79 -8.40 -9.80
CA THR A 263 -12.75 -7.81 -10.72
C THR A 263 -14.11 -7.77 -10.04
N GLY A 264 -14.45 -8.88 -9.38
CA GLY A 264 -15.73 -8.96 -8.69
C GLY A 264 -15.85 -7.92 -7.59
N GLU A 265 -14.78 -7.71 -6.85
CA GLU A 265 -14.81 -6.74 -5.75
C GLU A 265 -15.02 -5.32 -6.25
N PHE A 266 -14.25 -4.94 -7.27
CA PHE A 266 -14.31 -3.59 -7.79
C PHE A 266 -15.50 -3.20 -8.68
N GLU A 267 -16.12 -4.15 -9.38
CA GLU A 267 -17.25 -3.73 -10.17
C GLU A 267 -18.46 -3.56 -9.27
N ARG A 268 -18.25 -3.85 -7.99
CA ARG A 268 -19.29 -3.72 -6.97
C ARG A 268 -18.98 -2.50 -6.09
N SER A 269 -17.70 -2.32 -5.79
CA SER A 269 -17.27 -1.22 -4.92
C SER A 269 -16.98 0.06 -5.69
N GLY A 270 -16.44 -0.10 -6.90
CA GLY A 270 -16.07 1.06 -7.70
C GLY A 270 -14.70 1.53 -7.22
N PHE A 271 -14.18 2.59 -7.83
CA PHE A 271 -12.87 3.12 -7.45
C PHE A 271 -12.96 4.48 -6.75
N GLY A 272 -14.18 4.99 -6.59
CA GLY A 272 -14.36 6.28 -5.94
C GLY A 272 -13.70 6.39 -4.58
N GLY A 273 -13.95 5.43 -3.71
CA GLY A 273 -13.34 5.45 -2.39
C GLY A 273 -11.83 5.33 -2.50
N PRO A 274 -11.34 4.26 -3.13
CA PRO A 274 -9.90 4.08 -3.28
C PRO A 274 -9.20 5.35 -3.80
N LEU A 275 -9.70 5.89 -4.90
CA LEU A 275 -9.10 7.09 -5.48
C LEU A 275 -9.09 8.29 -4.51
N SER A 276 -10.06 8.35 -3.61
CA SER A 276 -10.10 9.45 -2.65
C SER A 276 -8.89 9.43 -1.73
N PHE A 277 -8.25 8.27 -1.60
CA PHE A 277 -7.05 8.18 -0.77
C PHE A 277 -6.06 9.16 -1.37
N TYR A 278 -5.91 9.07 -2.69
CA TYR A 278 -5.00 9.94 -3.44
C TYR A 278 -5.41 11.40 -3.34
N HIS A 279 -6.70 11.65 -3.54
CA HIS A 279 -7.23 12.99 -3.51
C HIS A 279 -6.82 13.77 -2.25
N ASN A 280 -6.57 13.04 -1.17
CA ASN A 280 -6.20 13.67 0.10
C ASN A 280 -4.70 13.73 0.42
N ILE A 281 -3.85 13.26 -0.49
CA ILE A 281 -2.42 13.29 -0.23
C ILE A 281 -1.96 14.65 0.34
N ASP A 282 -2.23 15.73 -0.38
CA ASP A 282 -1.86 17.07 0.09
C ASP A 282 -2.45 17.31 1.48
N ASN A 283 -3.74 17.02 1.62
CA ASN A 283 -4.41 17.21 2.89
C ASN A 283 -3.72 16.44 4.01
N ASP A 284 -3.32 15.20 3.71
CA ASP A 284 -2.62 14.39 4.70
C ASP A 284 -1.34 15.09 5.07
N TRP A 285 -0.57 15.45 4.05
CA TRP A 285 0.70 16.15 4.22
C TRP A 285 0.51 17.29 5.23
N HIS A 286 -0.62 17.98 5.13
CA HIS A 286 -0.93 19.08 6.01
C HIS A 286 -1.32 18.61 7.42
N ASP A 287 -2.15 17.57 7.49
CA ASP A 287 -2.62 17.03 8.75
C ASP A 287 -1.51 16.45 9.63
N LEU A 288 -0.42 16.01 9.00
CA LEU A 288 0.69 15.41 9.73
C LEU A 288 1.89 16.34 10.00
N ALA A 289 1.73 17.63 9.75
CA ALA A 289 2.82 18.57 10.00
C ALA A 289 3.17 18.61 11.49
N ASP A 290 2.14 18.52 12.33
CA ASP A 290 2.29 18.55 13.78
C ASP A 290 3.01 17.31 14.34
N GLN A 291 3.51 16.46 13.45
CA GLN A 291 4.21 15.25 13.85
C GLN A 291 5.62 15.28 13.31
N GLN A 292 5.85 16.15 12.33
CA GLN A 292 7.16 16.29 11.72
C GLN A 292 8.22 16.45 12.80
N GLY A 293 9.32 15.71 12.66
CA GLY A 293 10.38 15.79 13.64
C GLY A 293 10.36 14.63 14.61
N LYS A 294 9.22 14.45 15.28
CA LYS A 294 9.08 13.35 16.24
C LYS A 294 9.44 12.04 15.55
N PRO A 295 10.14 11.15 16.26
CA PRO A 295 10.52 9.88 15.67
C PRO A 295 9.42 8.83 15.78
N LEU A 296 9.54 7.77 14.99
CA LEU A 296 8.60 6.66 15.01
C LEU A 296 9.37 5.64 15.84
N THR A 297 8.82 5.31 17.02
CA THR A 297 9.49 4.42 17.97
C THR A 297 9.21 2.92 18.01
N PRO A 298 8.04 2.47 17.55
CA PRO A 298 7.90 1.01 17.66
C PRO A 298 8.91 0.27 16.77
N PRO A 299 9.13 -1.02 17.04
CA PRO A 299 10.09 -1.75 16.20
C PRO A 299 9.56 -1.72 14.77
N ALA A 300 10.34 -1.15 13.84
CA ALA A 300 9.91 -1.04 12.46
C ALA A 300 10.73 -1.89 11.50
N LEU A 301 10.13 -2.19 10.36
CA LEU A 301 10.78 -2.98 9.32
C LEU A 301 10.20 -2.59 7.96
N PHE A 302 11.02 -2.73 6.92
CA PHE A 302 10.56 -2.42 5.58
C PHE A 302 10.95 -3.54 4.61
N ILE A 303 10.01 -3.92 3.76
CA ILE A 303 10.27 -4.95 2.77
C ILE A 303 10.09 -4.29 1.43
N GLY A 304 11.11 -4.40 0.58
CA GLY A 304 11.03 -3.78 -0.73
C GLY A 304 11.18 -4.79 -1.85
N GLY A 305 11.00 -4.30 -3.07
CA GLY A 305 11.12 -5.16 -4.24
C GLY A 305 12.03 -4.51 -5.25
N GLN A 306 13.00 -5.27 -5.75
CA GLN A 306 13.95 -4.76 -6.71
C GLN A 306 13.29 -3.88 -7.79
N TYR A 307 12.27 -4.40 -8.47
CA TYR A 307 11.61 -3.64 -9.53
C TYR A 307 10.29 -2.99 -9.13
N ASP A 308 10.10 -2.76 -7.84
CA ASP A 308 8.89 -2.12 -7.36
C ASP A 308 9.05 -0.60 -7.43
N VAL A 309 8.11 0.08 -8.07
CA VAL A 309 8.21 1.53 -8.18
C VAL A 309 8.20 2.17 -6.78
N GLY A 310 7.43 1.58 -5.87
CA GLY A 310 7.37 2.10 -4.52
C GLY A 310 8.75 2.09 -3.87
N THR A 311 9.40 0.94 -3.92
CA THR A 311 10.72 0.76 -3.34
C THR A 311 11.74 1.69 -4.00
N ILE A 312 11.67 1.79 -5.32
CA ILE A 312 12.56 2.64 -6.08
C ILE A 312 12.37 4.12 -5.74
N TRP A 313 11.17 4.64 -5.92
CA TRP A 313 10.91 6.04 -5.62
C TRP A 313 11.28 6.41 -4.20
N GLY A 314 11.13 5.45 -3.28
CA GLY A 314 11.43 5.69 -1.88
C GLY A 314 12.86 5.40 -1.46
N ALA A 315 13.76 5.29 -2.44
CA ALA A 315 15.17 5.01 -2.17
C ALA A 315 15.79 5.92 -1.09
N GLN A 316 15.60 7.24 -1.23
CA GLN A 316 16.17 8.19 -0.29
C GLN A 316 15.60 8.07 1.12
N ALA A 317 14.32 7.76 1.22
CA ALA A 317 13.67 7.61 2.52
C ALA A 317 14.21 6.36 3.18
N ILE A 318 14.55 5.37 2.36
CA ILE A 318 15.10 4.11 2.84
C ILE A 318 16.50 4.34 3.40
N GLU A 319 17.33 5.04 2.63
CA GLU A 319 18.69 5.33 3.06
C GLU A 319 18.70 6.04 4.40
N ARG A 320 17.66 6.81 4.67
CA ARG A 320 17.57 7.54 5.93
C ARG A 320 16.57 6.94 6.91
N ALA A 321 16.39 5.63 6.82
CA ALA A 321 15.46 4.92 7.70
C ALA A 321 15.81 5.05 9.19
N HIS A 322 17.02 4.63 9.57
CA HIS A 322 17.44 4.68 10.97
C HIS A 322 17.41 6.08 11.57
N GLU A 323 17.51 7.09 10.73
CA GLU A 323 17.47 8.47 11.19
C GLU A 323 16.14 8.82 11.86
N VAL A 324 15.04 8.38 11.25
CA VAL A 324 13.70 8.65 11.77
C VAL A 324 13.08 7.55 12.61
N MET A 325 13.56 6.32 12.47
CA MET A 325 13.04 5.19 13.23
C MET A 325 14.16 4.58 14.06
N PRO A 326 14.41 5.15 15.25
CA PRO A 326 15.46 4.69 16.16
C PRO A 326 15.47 3.20 16.47
N ASN A 327 14.36 2.53 16.18
CA ASN A 327 14.27 1.10 16.46
C ASN A 327 14.01 0.29 15.21
N TYR A 328 14.53 0.79 14.10
CA TYR A 328 14.40 0.14 12.80
C TYR A 328 15.09 -1.21 12.91
N ARG A 329 14.47 -2.26 12.40
CA ARG A 329 15.08 -3.59 12.47
C ARG A 329 15.63 -4.05 11.12
N GLY A 330 15.66 -3.15 10.15
CA GLY A 330 16.21 -3.48 8.85
C GLY A 330 15.38 -3.32 7.58
N THR A 331 16.10 -3.15 6.48
CA THR A 331 15.51 -3.04 5.14
C THR A 331 15.77 -4.38 4.47
N HIS A 332 14.73 -4.94 3.86
CA HIS A 332 14.89 -6.22 3.17
C HIS A 332 14.45 -6.08 1.73
N MET A 333 15.30 -6.54 0.83
CA MET A 333 15.03 -6.45 -0.59
C MET A 333 14.79 -7.81 -1.19
N ILE A 334 13.65 -7.94 -1.87
CA ILE A 334 13.33 -9.19 -2.54
C ILE A 334 13.65 -9.00 -4.01
N ALA A 335 14.60 -9.79 -4.51
CA ALA A 335 15.01 -9.70 -5.90
C ALA A 335 13.98 -10.23 -6.90
N ASP A 336 14.10 -9.74 -8.13
CA ASP A 336 13.25 -10.12 -9.25
C ASP A 336 11.74 -10.08 -9.03
N VAL A 337 11.26 -9.12 -8.25
CA VAL A 337 9.83 -8.97 -8.03
C VAL A 337 9.48 -7.50 -8.16
N GLY A 338 8.25 -7.23 -8.57
CA GLY A 338 7.81 -5.87 -8.76
C GLY A 338 7.02 -5.30 -7.59
N HIS A 339 5.95 -4.60 -7.94
CA HIS A 339 5.10 -3.95 -6.94
C HIS A 339 4.26 -4.84 -6.02
N TRP A 340 3.67 -5.88 -6.59
CA TRP A 340 2.80 -6.76 -5.82
C TRP A 340 3.59 -7.79 -5.03
N ILE A 341 4.46 -7.26 -4.16
CA ILE A 341 5.36 -8.04 -3.35
C ILE A 341 4.86 -9.26 -2.58
N GLN A 342 3.82 -9.11 -1.74
CA GLN A 342 3.36 -10.26 -0.99
C GLN A 342 2.67 -11.30 -1.88
N GLN A 343 2.36 -10.91 -3.11
CA GLN A 343 1.73 -11.83 -4.05
C GLN A 343 2.80 -12.40 -4.97
N GLU A 344 3.78 -11.59 -5.31
CA GLU A 344 4.85 -12.03 -6.19
C GLU A 344 5.88 -12.94 -5.50
N ALA A 345 6.00 -12.80 -4.19
CA ALA A 345 6.94 -13.60 -3.43
C ALA A 345 6.33 -13.86 -2.05
N PRO A 346 5.24 -14.63 -2.02
CA PRO A 346 4.54 -14.96 -0.77
C PRO A 346 5.38 -15.66 0.29
N GLU A 347 6.12 -16.69 -0.10
CA GLU A 347 6.94 -17.42 0.85
C GLU A 347 8.09 -16.60 1.41
N GLU A 348 8.76 -15.84 0.55
CA GLU A 348 9.85 -14.99 0.99
C GLU A 348 9.31 -13.91 1.94
N THR A 349 8.14 -13.37 1.61
CA THR A 349 7.50 -12.35 2.44
C THR A 349 7.15 -12.99 3.79
N ASN A 350 6.59 -14.19 3.75
CA ASN A 350 6.23 -14.89 4.98
C ASN A 350 7.44 -15.09 5.89
N ARG A 351 8.55 -15.55 5.31
CA ARG A 351 9.77 -15.77 6.10
C ARG A 351 10.18 -14.47 6.80
N LEU A 352 10.18 -13.36 6.05
CA LEU A 352 10.54 -12.08 6.61
C LEU A 352 9.61 -11.65 7.76
N LEU A 353 8.31 -11.70 7.52
CA LEU A 353 7.36 -11.32 8.57
C LEU A 353 7.52 -12.22 9.79
N LEU A 354 7.50 -13.53 9.56
CA LEU A 354 7.66 -14.50 10.63
C LEU A 354 8.94 -14.29 11.44
N ASP A 355 10.02 -13.86 10.78
CA ASP A 355 11.25 -13.62 11.50
C ASP A 355 11.09 -12.38 12.36
N PHE A 356 10.53 -11.33 11.77
CA PHE A 356 10.32 -10.08 12.48
C PHE A 356 9.43 -10.26 13.70
N LEU A 357 8.24 -10.84 13.49
CA LEU A 357 7.30 -11.05 14.59
C LEU A 357 7.81 -12.05 15.63
N GLY A 358 8.53 -13.07 15.17
CA GLY A 358 9.04 -14.08 16.08
C GLY A 358 10.05 -13.54 17.07
N GLY A 359 10.92 -12.65 16.62
CA GLY A 359 11.92 -12.07 17.51
C GLY A 359 11.41 -10.93 18.35
N LEU A 360 10.09 -10.71 18.37
CA LEU A 360 9.52 -9.64 19.16
C LEU A 360 8.62 -10.13 20.30
N ARG A 361 8.28 -9.21 21.19
CA ARG A 361 7.42 -9.53 22.33
C ARG A 361 6.08 -8.84 22.16
N PRO A 362 4.99 -9.62 22.05
CA PRO A 362 3.64 -9.07 21.86
C PRO A 362 3.26 -8.07 22.95
#